data_3B4P
#
_entry.id   3B4P
#
_cell.length_a   64.550
_cell.length_b   64.550
_cell.length_c   160.390
_cell.angle_alpha   90.00
_cell.angle_beta   90.00
_cell.angle_gamma   120.00
#
_symmetry.space_group_name_H-M   'P 32 2 1'
#
loop_
_entity.id
_entity.type
_entity.pdbx_description
1 polymer 'Phenazine biosynthesis protein A/B'
2 non-polymer '2-(cyclohexylamino)benzoic acid'
3 non-polymer 'AZIDE ION'
4 non-polymer 'ACETATE ION'
5 water water
#
_entity_poly.entity_id   1
_entity_poly.type   'polypeptide(L)'
_entity_poly.pdbx_seq_one_letter_code
;MGSSHHHHHHSSGLVPRGSHMSDVESLENTSENRAQVAARQHNRKIVEQYMHTRGEARLKRHLLFTEDGVGGLWTTDSGQ
PIAIRGREKLGEHAVWSLQCFPDWVWTDIQIFETQDPNWFWVECRGEGAIVFPGYPRGQYRNHFLHSFRFENGLIKEQRE
FMNPCEQFRSLGIEVPEVRRDGLPS
;
_entity_poly.pdbx_strand_id   A,B
#
loop_
_chem_comp.id
_chem_comp.type
_chem_comp.name
_chem_comp.formula
3B4 non-polymer '2-(cyclohexylamino)benzoic acid' 'C13 H17 N O2'
ACT non-polymer 'ACETATE ION' 'C2 H3 O2 -1'
AZI non-polymer 'AZIDE ION' 'N3 -1'
#
# COMPACT_ATOMS: atom_id res chain seq x y z
N ASN A 29 18.89 -27.47 -0.20
CA ASN A 29 18.97 -27.91 -1.63
C ASN A 29 18.10 -29.16 -1.89
N THR A 30 16.90 -29.11 -1.31
CA THR A 30 15.85 -30.09 -1.54
C THR A 30 15.02 -29.72 -2.77
N SER A 31 14.29 -30.71 -3.27
CA SER A 31 13.33 -30.53 -4.36
C SER A 31 12.17 -29.68 -3.89
N GLU A 32 11.83 -29.83 -2.61
CA GLU A 32 10.78 -29.06 -1.95
C GLU A 32 11.02 -27.59 -2.22
N ASN A 33 12.26 -27.18 -1.92
CA ASN A 33 12.69 -25.82 -2.11
C ASN A 33 12.83 -25.44 -3.58
N ARG A 34 13.60 -26.22 -4.33
CA ARG A 34 13.68 -26.02 -5.77
C ARG A 34 12.32 -25.72 -6.44
N ALA A 35 11.28 -26.40 -5.96
CA ALA A 35 9.94 -26.25 -6.46
C ALA A 35 9.48 -24.80 -6.25
N GLN A 36 9.71 -24.30 -5.05
CA GLN A 36 9.32 -22.97 -4.73
C GLN A 36 10.17 -21.94 -5.44
N VAL A 37 11.48 -22.16 -5.48
CA VAL A 37 12.33 -21.21 -6.17
C VAL A 37 11.78 -21.05 -7.60
N ALA A 38 11.39 -22.17 -8.20
CA ALA A 38 10.88 -22.20 -9.57
C ALA A 38 9.60 -21.41 -9.64
N ALA A 39 8.69 -21.66 -8.71
CA ALA A 39 7.41 -20.95 -8.70
C ALA A 39 7.65 -19.44 -8.60
N ARG A 40 8.55 -19.07 -7.69
CA ARG A 40 8.78 -17.66 -7.37
C ARG A 40 9.44 -17.01 -8.56
N GLN A 41 10.38 -17.71 -9.19
CA GLN A 41 11.07 -17.17 -10.35
C GLN A 41 10.05 -16.97 -11.49
N HIS A 42 9.19 -17.97 -11.67
CA HIS A 42 8.19 -17.93 -12.71
C HIS A 42 7.24 -16.79 -12.45
N ASN A 43 6.71 -16.73 -11.25
CA ASN A 43 5.75 -15.71 -10.88
C ASN A 43 6.27 -14.25 -10.92
N ARG A 44 7.50 -14.07 -10.53
CA ARG A 44 8.17 -12.79 -10.73
C ARG A 44 8.19 -12.32 -12.18
N LYS A 45 8.34 -13.23 -13.16
CA LYS A 45 8.39 -12.86 -14.52
C LYS A 45 7.02 -12.38 -14.94
N ILE A 46 5.95 -12.95 -14.37
CA ILE A 46 4.59 -12.56 -14.76
C ILE A 46 4.30 -11.18 -14.14
N VAL A 47 4.75 -10.95 -12.92
CA VAL A 47 4.66 -9.58 -12.29
C VAL A 47 5.36 -8.54 -13.13
N GLU A 48 6.53 -8.89 -13.65
CA GLU A 48 7.29 -7.97 -14.54
C GLU A 48 6.51 -7.71 -15.77
N GLN A 49 5.98 -8.74 -16.38
CA GLN A 49 5.14 -8.54 -17.53
C GLN A 49 3.99 -7.62 -17.30
N TYR A 50 3.25 -7.85 -16.24
CA TYR A 50 2.06 -7.09 -15.93
C TYR A 50 2.48 -5.64 -15.81
N MET A 51 3.55 -5.41 -15.07
CA MET A 51 3.88 -4.03 -14.75
C MET A 51 4.41 -3.30 -15.96
N HIS A 52 4.97 -4.04 -16.95
CA HIS A 52 5.50 -3.43 -18.14
C HIS A 52 4.54 -3.38 -19.35
N THR A 53 3.33 -3.89 -19.17
CA THR A 53 2.31 -3.86 -20.23
C THR A 53 1.78 -2.48 -20.50
N ARG A 54 1.88 -2.00 -21.68
CA ARG A 54 1.33 -0.75 -22.16
C ARG A 54 0.59 -0.87 -23.48
N GLY A 55 -0.18 0.16 -23.80
CA GLY A 55 -0.77 0.32 -25.14
C GLY A 55 -1.76 -0.77 -25.36
N GLU A 56 -1.93 -1.11 -26.63
CA GLU A 56 -2.83 -2.19 -27.01
C GLU A 56 -2.63 -3.51 -26.29
N ALA A 57 -1.40 -3.81 -25.93
CA ALA A 57 -1.08 -5.01 -25.16
C ALA A 57 -1.87 -5.06 -23.80
N ARG A 58 -2.39 -3.91 -23.33
CA ARG A 58 -3.27 -3.94 -22.17
C ARG A 58 -4.57 -4.74 -22.35
N LEU A 59 -5.06 -4.82 -23.60
CA LEU A 59 -6.29 -5.57 -23.87
C LEU A 59 -6.13 -7.10 -23.70
N LYS A 60 -4.90 -7.60 -23.60
CA LYS A 60 -4.63 -9.03 -23.38
C LYS A 60 -3.98 -9.38 -22.03
N ARG A 61 -3.92 -8.41 -21.13
CA ARG A 61 -3.24 -8.65 -19.88
C ARG A 61 -4.12 -9.53 -19.02
N HIS A 62 -5.45 -9.51 -19.27
CA HIS A 62 -6.34 -10.39 -18.53
C HIS A 62 -5.93 -11.83 -18.70
N LEU A 63 -5.31 -12.14 -19.82
CA LEU A 63 -4.84 -13.49 -19.99
C LEU A 63 -3.77 -13.95 -18.96
N LEU A 64 -3.22 -13.07 -18.17
CA LEU A 64 -2.16 -13.46 -17.18
C LEU A 64 -2.82 -13.98 -15.84
N PHE A 65 -4.15 -13.86 -15.77
CA PHE A 65 -4.91 -14.30 -14.61
C PHE A 65 -5.40 -15.73 -14.79
N THR A 66 -5.60 -16.35 -13.63
CA THR A 66 -6.51 -17.54 -13.55
C THR A 66 -7.92 -17.27 -14.09
N GLU A 67 -8.62 -18.34 -14.48
CA GLU A 67 -9.97 -18.14 -15.01
C GLU A 67 -10.87 -17.44 -14.04
N ASP A 68 -10.69 -17.71 -12.74
CA ASP A 68 -11.50 -17.11 -11.68
C ASP A 68 -10.78 -15.96 -10.97
N GLY A 69 -9.68 -15.50 -11.57
CA GLY A 69 -8.82 -14.44 -10.92
C GLY A 69 -9.53 -13.15 -10.78
N VAL A 70 -9.10 -12.35 -9.76
CA VAL A 70 -9.75 -11.10 -9.42
C VAL A 70 -8.69 -10.01 -9.56
N GLY A 71 -9.08 -8.86 -10.10
CA GLY A 71 -8.18 -7.68 -10.09
C GLY A 71 -8.99 -6.49 -9.74
N GLY A 72 -8.33 -5.39 -9.43
CA GLY A 72 -9.08 -4.18 -9.25
C GLY A 72 -8.49 -3.20 -8.24
N LEU A 73 -9.27 -2.24 -7.87
CA LEU A 73 -8.84 -1.14 -7.08
C LEU A 73 -9.38 -1.29 -5.61
N TRP A 74 -8.47 -1.48 -4.63
CA TRP A 74 -8.82 -1.62 -3.26
C TRP A 74 -8.94 -0.33 -2.44
N THR A 75 -8.56 0.86 -2.96
CA THR A 75 -8.64 2.11 -2.21
C THR A 75 -9.58 3.02 -3.03
N THR A 76 -10.82 3.01 -2.66
CA THR A 76 -11.84 3.78 -3.39
C THR A 76 -12.44 4.83 -2.45
N ASP A 77 -13.06 5.81 -3.06
CA ASP A 77 -13.81 6.79 -2.19
C ASP A 77 -14.95 6.14 -1.42
N SER A 78 -15.55 5.13 -1.99
CA SER A 78 -16.73 4.50 -1.40
C SER A 78 -16.36 3.63 -0.25
N GLY A 79 -15.10 3.19 -0.20
CA GLY A 79 -14.61 2.37 0.89
C GLY A 79 -14.69 0.90 0.52
N GLN A 80 -15.37 0.55 -0.56
CA GLN A 80 -15.42 -0.80 -1.04
C GLN A 80 -14.55 -0.96 -2.31
N PRO A 81 -13.90 -2.12 -2.45
CA PRO A 81 -13.06 -2.30 -3.64
C PRO A 81 -13.85 -2.42 -4.89
N ILE A 82 -13.24 -2.04 -6.02
CA ILE A 82 -13.82 -2.31 -7.29
C ILE A 82 -13.08 -3.55 -7.71
N ALA A 83 -13.73 -4.72 -7.56
CA ALA A 83 -13.08 -5.99 -7.78
C ALA A 83 -13.65 -6.62 -9.07
N ILE A 84 -12.82 -6.98 -10.01
CA ILE A 84 -13.29 -7.44 -11.27
C ILE A 84 -13.02 -8.93 -11.20
N ARG A 85 -14.04 -9.81 -11.33
CA ARG A 85 -13.84 -11.25 -11.07
CA ARG A 85 -13.85 -11.24 -11.05
C ARG A 85 -13.96 -12.07 -12.34
N GLY A 86 -12.86 -12.72 -12.68
CA GLY A 86 -12.80 -13.67 -13.76
C GLY A 86 -12.06 -13.07 -14.92
N ARG A 87 -11.42 -13.96 -15.67
CA ARG A 87 -10.63 -13.55 -16.81
C ARG A 87 -11.47 -12.80 -17.86
N GLU A 88 -12.68 -13.26 -18.11
CA GLU A 88 -13.58 -12.63 -19.04
C GLU A 88 -13.91 -11.19 -18.68
N LYS A 89 -14.34 -10.99 -17.44
CA LYS A 89 -14.69 -9.67 -16.96
C LYS A 89 -13.43 -8.76 -16.98
N LEU A 90 -12.29 -9.34 -16.67
CA LEU A 90 -11.00 -8.58 -16.65
C LEU A 90 -10.68 -8.10 -18.06
N GLY A 91 -11.03 -8.93 -19.05
CA GLY A 91 -10.72 -8.59 -20.42
C GLY A 91 -11.64 -7.44 -20.82
N GLU A 92 -12.90 -7.51 -20.39
CA GLU A 92 -13.86 -6.40 -20.59
C GLU A 92 -13.44 -5.11 -19.90
N HIS A 93 -12.92 -5.22 -18.69
CA HIS A 93 -12.46 -4.06 -17.91
C HIS A 93 -11.27 -3.38 -18.61
N ALA A 94 -10.44 -4.14 -19.29
CA ALA A 94 -9.32 -3.58 -20.05
C ALA A 94 -9.75 -2.59 -21.14
N VAL A 95 -10.91 -2.86 -21.79
CA VAL A 95 -11.38 -1.96 -22.77
C VAL A 95 -11.76 -0.60 -22.18
N TRP A 96 -12.42 -0.64 -21.04
CA TRP A 96 -12.74 0.55 -20.24
C TRP A 96 -11.46 1.25 -19.89
N SER A 97 -10.50 0.47 -19.42
N SER A 97 -10.49 0.49 -19.40
CA SER A 97 -9.27 1.03 -18.85
CA SER A 97 -9.23 1.07 -18.87
C SER A 97 -8.45 1.78 -19.89
C SER A 97 -8.46 1.82 -19.91
N LEU A 98 -8.44 1.25 -21.12
CA LEU A 98 -7.72 1.78 -22.21
C LEU A 98 -8.42 3.04 -22.73
N GLN A 99 -9.75 3.15 -22.63
CA GLN A 99 -10.41 4.41 -22.99
C GLN A 99 -10.15 5.52 -21.99
N CYS A 100 -10.21 5.20 -20.69
CA CYS A 100 -10.18 6.19 -19.62
C CYS A 100 -8.72 6.64 -19.30
N PHE A 101 -7.78 5.75 -19.58
CA PHE A 101 -6.38 5.95 -19.28
C PHE A 101 -5.60 5.53 -20.51
N PRO A 102 -5.71 6.33 -21.55
CA PRO A 102 -5.22 5.88 -22.85
C PRO A 102 -3.70 5.66 -23.03
N ASP A 103 -2.91 6.34 -22.27
CA ASP A 103 -1.40 6.28 -22.36
C ASP A 103 -0.69 5.89 -21.07
N TRP A 104 -1.39 5.25 -20.14
CA TRP A 104 -0.89 4.92 -18.85
C TRP A 104 0.43 4.18 -18.88
N VAL A 105 1.33 4.62 -18.04
CA VAL A 105 2.56 3.89 -17.80
C VAL A 105 2.95 3.82 -16.32
N TRP A 106 3.46 2.66 -15.94
CA TRP A 106 4.00 2.43 -14.57
C TRP A 106 5.48 2.69 -14.64
N THR A 107 6.01 3.33 -13.63
CA THR A 107 7.43 3.63 -13.56
C THR A 107 7.96 3.39 -12.13
N ASP A 108 9.26 3.52 -12.03
N ASP A 108 9.29 3.53 -11.99
CA ASP A 108 9.93 3.41 -10.75
CA ASP A 108 9.96 3.42 -10.70
C ASP A 108 9.53 2.13 -10.06
C ASP A 108 9.62 2.10 -10.04
N ILE A 109 9.51 1.05 -10.84
CA ILE A 109 8.93 -0.22 -10.37
C ILE A 109 9.89 -0.95 -9.45
N GLN A 110 9.47 -1.21 -8.24
CA GLN A 110 10.23 -2.07 -7.38
C GLN A 110 9.41 -3.29 -7.00
N ILE A 111 9.94 -4.46 -7.30
CA ILE A 111 9.22 -5.70 -7.02
C ILE A 111 9.77 -6.38 -5.81
N PHE A 112 8.87 -6.67 -4.87
CA PHE A 112 9.25 -7.33 -3.68
C PHE A 112 8.70 -8.75 -3.71
N GLU A 113 9.65 -9.65 -3.65
CA GLU A 113 9.41 -11.08 -3.41
C GLU A 113 9.11 -11.21 -1.92
N THR A 114 8.37 -12.26 -1.53
CA THR A 114 8.06 -12.50 -0.07
C THR A 114 8.49 -13.95 0.30
N GLN A 115 8.26 -14.28 1.55
CA GLN A 115 8.44 -15.64 2.03
C GLN A 115 7.47 -16.61 1.33
N ASP A 116 6.37 -16.08 0.79
CA ASP A 116 5.42 -16.86 0.01
C ASP A 116 5.73 -16.74 -1.48
N PRO A 117 6.02 -17.86 -2.17
CA PRO A 117 6.44 -17.81 -3.58
C PRO A 117 5.35 -17.33 -4.45
N ASN A 118 4.10 -17.39 -3.94
CA ASN A 118 2.92 -17.02 -4.67
C ASN A 118 2.36 -15.68 -4.16
N TRP A 119 3.22 -14.89 -3.55
CA TRP A 119 2.83 -13.54 -3.10
C TRP A 119 3.92 -12.50 -3.30
N PHE A 120 3.60 -11.48 -4.07
CA PHE A 120 4.54 -10.42 -4.37
C PHE A 120 3.82 -9.07 -4.00
N TRP A 121 4.61 -8.06 -3.64
CA TRP A 121 4.22 -6.70 -3.58
C TRP A 121 5.04 -5.89 -4.57
N VAL A 122 4.44 -4.85 -5.08
CA VAL A 122 5.15 -3.96 -5.96
C VAL A 122 4.91 -2.54 -5.48
N GLU A 123 5.96 -1.72 -5.35
CA GLU A 123 5.82 -0.32 -5.16
C GLU A 123 6.22 0.44 -6.41
N CYS A 124 5.37 1.37 -6.90
CA CYS A 124 5.67 2.01 -8.12
C CYS A 124 4.95 3.34 -8.19
N ARG A 125 5.30 4.12 -9.18
CA ARG A 125 4.48 5.27 -9.55
C ARG A 125 3.76 4.93 -10.83
N GLY A 126 2.84 5.77 -11.17
CA GLY A 126 2.18 5.67 -12.47
C GLY A 126 1.54 7.04 -12.80
N GLU A 127 1.47 7.27 -14.09
CA GLU A 127 0.81 8.43 -14.59
C GLU A 127 0.34 8.33 -16.04
N GLY A 128 -0.56 9.21 -16.35
CA GLY A 128 -1.11 9.31 -17.69
C GLY A 128 -2.34 10.17 -17.73
N ALA A 129 -2.88 10.31 -18.94
CA ALA A 129 -4.07 11.07 -19.10
C ALA A 129 -5.20 10.37 -18.38
N ILE A 130 -6.13 11.15 -17.76
CA ILE A 130 -7.38 10.59 -17.19
C ILE A 130 -8.53 11.23 -18.00
N VAL A 131 -9.33 10.38 -18.57
CA VAL A 131 -10.43 10.76 -19.52
C VAL A 131 -11.69 10.01 -19.02
N PHE A 132 -12.37 10.59 -18.03
CA PHE A 132 -13.64 10.03 -17.54
C PHE A 132 -14.81 10.82 -18.10
N PRO A 133 -15.84 10.12 -18.43
CA PRO A 133 -17.16 10.85 -18.74
C PRO A 133 -17.56 11.82 -17.63
N GLY A 134 -17.87 13.05 -18.05
CA GLY A 134 -18.32 14.03 -17.08
C GLY A 134 -17.31 14.74 -16.24
N TYR A 135 -16.00 14.55 -16.47
CA TYR A 135 -14.98 15.34 -15.79
C TYR A 135 -14.01 15.90 -16.86
N PRO A 136 -13.37 17.03 -16.58
CA PRO A 136 -12.41 17.50 -17.55
C PRO A 136 -11.22 16.58 -17.64
N ARG A 137 -10.70 16.43 -18.87
CA ARG A 137 -9.55 15.60 -19.10
C ARG A 137 -8.43 16.14 -18.23
N GLY A 138 -7.64 15.25 -17.62
CA GLY A 138 -6.67 15.65 -16.64
C GLY A 138 -5.43 14.82 -16.83
N GLN A 139 -4.46 15.09 -16.00
CA GLN A 139 -3.26 14.26 -15.96
C GLN A 139 -3.19 13.64 -14.60
N TYR A 140 -3.24 12.36 -14.54
CA TYR A 140 -3.31 11.69 -13.25
C TYR A 140 -1.94 11.09 -12.93
N ARG A 141 -1.45 11.30 -11.74
CA ARG A 141 -0.28 10.61 -11.30
C ARG A 141 -0.43 10.24 -9.86
N ASN A 142 0.12 9.11 -9.53
CA ASN A 142 -0.06 8.65 -8.16
C ASN A 142 1.13 7.71 -7.79
N HIS A 143 1.21 7.42 -6.50
N HIS A 143 1.14 7.37 -6.50
CA HIS A 143 2.06 6.39 -5.94
CA HIS A 143 2.03 6.42 -5.86
C HIS A 143 1.16 5.19 -5.69
C HIS A 143 1.21 5.18 -5.52
N PHE A 144 1.68 4.02 -6.00
CA PHE A 144 0.91 2.83 -5.96
C PHE A 144 1.63 1.69 -5.22
N LEU A 145 0.83 0.87 -4.50
CA LEU A 145 1.27 -0.45 -4.01
C LEU A 145 0.33 -1.49 -4.68
N HIS A 146 0.90 -2.48 -5.30
CA HIS A 146 0.13 -3.59 -5.83
C HIS A 146 0.47 -4.91 -5.10
N SER A 147 -0.53 -5.70 -4.78
CA SER A 147 -0.38 -7.03 -4.25
C SER A 147 -0.76 -8.03 -5.36
N PHE A 148 0.06 -9.01 -5.56
CA PHE A 148 -0.13 -10.09 -6.49
C PHE A 148 0.00 -11.43 -5.78
N ARG A 149 -1.09 -12.21 -5.80
CA ARG A 149 -1.13 -13.53 -5.28
C ARG A 149 -1.44 -14.50 -6.49
N PHE A 150 -0.67 -15.53 -6.53
CA PHE A 150 -0.64 -16.50 -7.65
C PHE A 150 -1.27 -17.85 -7.28
N GLU A 151 -1.67 -18.58 -8.32
CA GLU A 151 -2.12 -19.96 -8.21
C GLU A 151 -1.72 -20.58 -9.53
N ASN A 152 -0.94 -21.64 -9.47
CA ASN A 152 -0.61 -22.39 -10.68
C ASN A 152 0.02 -21.48 -11.74
N GLY A 153 0.86 -20.55 -11.29
CA GLY A 153 1.65 -19.73 -12.26
C GLY A 153 0.84 -18.59 -12.91
N LEU A 154 -0.40 -18.37 -12.43
CA LEU A 154 -1.19 -17.28 -12.95
C LEU A 154 -1.62 -16.44 -11.79
N ILE A 155 -2.06 -15.23 -12.11
CA ILE A 155 -2.49 -14.31 -11.08
C ILE A 155 -3.88 -14.67 -10.63
N LYS A 156 -3.98 -14.96 -9.36
CA LYS A 156 -5.27 -15.31 -8.74
C LYS A 156 -5.92 -14.09 -8.11
N GLU A 157 -5.12 -13.12 -7.62
CA GLU A 157 -5.66 -11.87 -7.06
C GLU A 157 -4.66 -10.74 -7.20
N GLN A 158 -5.04 -9.69 -7.87
CA GLN A 158 -4.21 -8.47 -7.94
C GLN A 158 -5.04 -7.40 -7.31
N ARG A 159 -4.36 -6.60 -6.51
CA ARG A 159 -5.03 -5.52 -5.78
C ARG A 159 -4.16 -4.27 -5.87
N GLU A 160 -4.75 -3.13 -6.25
CA GLU A 160 -4.08 -1.81 -6.33
C GLU A 160 -4.48 -1.03 -5.11
N PHE A 161 -3.49 -0.41 -4.49
CA PHE A 161 -3.72 0.49 -3.39
C PHE A 161 -3.07 1.81 -3.76
N MET A 162 -3.81 2.91 -3.68
CA MET A 162 -3.24 4.23 -3.95
C MET A 162 -3.90 5.25 -3.04
N ASN A 163 -3.56 6.55 -3.20
CA ASN A 163 -4.23 7.63 -2.45
C ASN A 163 -5.35 8.22 -3.32
N PRO A 164 -6.60 7.96 -3.01
CA PRO A 164 -7.66 8.45 -3.94
C PRO A 164 -7.72 9.96 -4.12
N CYS A 165 -7.22 10.69 -3.14
CA CYS A 165 -7.15 12.11 -3.21
C CYS A 165 -6.37 12.63 -4.45
N GLU A 166 -5.33 11.90 -4.92
CA GLU A 166 -4.63 12.34 -6.09
C GLU A 166 -5.48 12.15 -7.35
N GLN A 167 -6.38 11.18 -7.37
CA GLN A 167 -7.25 11.00 -8.44
C GLN A 167 -8.34 12.04 -8.42
N PHE A 168 -8.84 12.39 -7.26
CA PHE A 168 -9.73 13.54 -7.17
C PHE A 168 -9.11 14.76 -7.84
N ARG A 169 -7.90 15.09 -7.46
CA ARG A 169 -7.25 16.25 -7.99
C ARG A 169 -7.18 16.22 -9.51
N SER A 170 -6.90 15.05 -10.03
CA SER A 170 -6.74 14.90 -11.46
C SER A 170 -8.02 15.22 -12.23
N LEU A 171 -9.12 15.06 -11.53
CA LEU A 171 -10.47 15.30 -12.11
C LEU A 171 -11.09 16.64 -11.75
N GLY A 172 -10.37 17.50 -11.02
CA GLY A 172 -10.89 18.80 -10.67
C GLY A 172 -11.81 18.71 -9.49
N ILE A 173 -11.77 17.62 -8.76
CA ILE A 173 -12.69 17.39 -7.63
C ILE A 173 -12.05 17.95 -6.41
N GLU A 174 -12.82 18.76 -5.66
N GLU A 174 -12.75 18.80 -5.66
CA GLU A 174 -12.32 19.38 -4.43
CA GLU A 174 -12.09 19.46 -4.54
C GLU A 174 -11.88 18.27 -3.42
C GLU A 174 -11.92 18.47 -3.37
N VAL A 175 -10.71 18.44 -2.82
CA VAL A 175 -10.29 17.54 -1.70
C VAL A 175 -10.34 18.30 -0.36
N PRO A 176 -11.08 17.77 0.61
CA PRO A 176 -11.07 18.40 1.93
C PRO A 176 -9.67 18.35 2.56
N GLU A 177 -9.40 19.30 3.46
CA GLU A 177 -8.15 19.37 4.16
C GLU A 177 -8.36 18.99 5.59
N VAL A 178 -7.74 17.90 6.03
CA VAL A 178 -7.80 17.50 7.46
C VAL A 178 -6.83 18.38 8.24
N ARG A 179 -7.32 19.00 9.31
CA ARG A 179 -6.54 19.84 10.20
C ARG A 179 -6.04 18.95 11.32
N ARG A 180 -4.71 18.86 11.49
CA ARG A 180 -4.10 18.16 12.65
C ARG A 180 -3.42 19.18 13.60
N ASP A 181 -4.22 19.68 14.53
CA ASP A 181 -3.99 20.95 15.21
C ASP A 181 -2.82 21.16 16.14
N GLY A 182 -2.41 20.12 16.84
CA GLY A 182 -1.28 20.23 17.79
C GLY A 182 -0.15 19.31 17.32
N LEU A 183 -0.19 18.95 16.05
CA LEU A 183 0.81 18.05 15.48
C LEU A 183 2.17 18.76 15.56
N PRO A 184 3.14 18.14 16.23
CA PRO A 184 4.44 18.83 16.31
C PRO A 184 5.19 18.91 14.96
N SER A 185 5.99 19.96 14.88
CA SER A 185 6.75 20.30 13.70
C SER A 185 8.16 19.66 13.77
N GLU B 28 22.33 -22.22 -0.33
CA GLU B 28 23.54 -22.92 0.22
C GLU B 28 23.85 -22.47 1.65
N ASN B 29 24.45 -23.36 2.45
CA ASN B 29 24.85 -22.99 3.82
C ASN B 29 26.23 -22.32 3.87
N THR B 30 26.20 -20.98 3.83
CA THR B 30 27.39 -20.16 3.92
C THR B 30 27.18 -19.20 5.08
N SER B 31 28.25 -18.66 5.64
CA SER B 31 28.13 -17.67 6.72
C SER B 31 27.47 -16.39 6.23
N GLU B 32 27.60 -16.09 4.93
CA GLU B 32 26.99 -14.90 4.33
C GLU B 32 25.45 -15.04 4.29
N ASN B 33 25.01 -16.23 3.93
CA ASN B 33 23.58 -16.53 3.93
C ASN B 33 23.04 -16.66 5.36
N ARG B 34 23.86 -17.23 6.24
CA ARG B 34 23.53 -17.21 7.66
C ARG B 34 23.38 -15.79 8.24
N ALA B 35 24.29 -14.88 7.89
CA ALA B 35 24.21 -13.49 8.35
C ALA B 35 22.89 -12.94 7.93
N GLN B 36 22.57 -13.16 6.65
CA GLN B 36 21.29 -12.63 6.10
C GLN B 36 20.08 -13.13 6.88
N VAL B 37 20.00 -14.44 7.04
CA VAL B 37 18.95 -15.04 7.88
C VAL B 37 18.86 -14.43 9.27
N ALA B 38 19.97 -14.33 9.97
CA ALA B 38 19.98 -13.70 11.29
C ALA B 38 19.51 -12.26 11.24
N ALA B 39 19.93 -11.52 10.23
CA ALA B 39 19.47 -10.13 10.11
C ALA B 39 17.96 -10.09 9.94
N ARG B 40 17.45 -10.92 9.04
CA ARG B 40 16.02 -10.94 8.71
C ARG B 40 15.24 -11.31 9.94
N GLN B 41 15.81 -12.22 10.69
CA GLN B 41 15.13 -12.78 11.83
C GLN B 41 15.02 -11.71 12.95
N HIS B 42 16.10 -11.00 13.17
CA HIS B 42 16.16 -9.95 14.17
C HIS B 42 15.22 -8.78 13.73
N ASN B 43 15.33 -8.32 12.50
CA ASN B 43 14.42 -7.33 11.93
C ASN B 43 12.95 -7.71 12.05
N ARG B 44 12.58 -8.91 11.65
CA ARG B 44 11.20 -9.41 11.84
C ARG B 44 10.69 -9.21 13.27
N LYS B 45 11.54 -9.49 14.27
CA LYS B 45 11.11 -9.38 15.66
C LYS B 45 10.88 -7.95 16.08
N ILE B 46 11.61 -7.05 15.48
CA ILE B 46 11.36 -5.64 15.70
C ILE B 46 10.06 -5.23 15.03
N VAL B 47 9.80 -5.66 13.78
CA VAL B 47 8.46 -5.33 13.16
C VAL B 47 7.30 -5.80 14.08
N GLU B 48 7.36 -7.04 14.55
CA GLU B 48 6.37 -7.63 15.41
C GLU B 48 6.25 -6.74 16.64
N GLN B 49 7.37 -6.35 17.19
CA GLN B 49 7.29 -5.45 18.40
C GLN B 49 6.61 -4.13 18.13
N TYR B 50 6.97 -3.50 17.00
CA TYR B 50 6.36 -2.23 16.56
C TYR B 50 4.88 -2.36 16.48
N MET B 51 4.44 -3.42 15.84
CA MET B 51 3.03 -3.52 15.53
C MET B 51 2.18 -3.92 16.70
N HIS B 52 2.81 -4.43 17.74
CA HIS B 52 2.17 -4.82 18.99
C HIS B 52 2.24 -3.84 20.08
N THR B 53 2.93 -2.73 19.86
CA THR B 53 3.10 -1.71 20.89
C THR B 53 1.84 -0.89 21.10
N ARG B 54 1.33 -0.89 22.31
CA ARG B 54 0.12 -0.24 22.67
C ARG B 54 0.26 0.54 23.96
N GLY B 55 -0.69 1.44 24.14
CA GLY B 55 -0.73 2.30 25.33
C GLY B 55 0.55 3.09 25.60
N GLU B 56 0.98 3.14 26.85
CA GLU B 56 2.07 3.99 27.27
C GLU B 56 3.42 3.51 26.66
N ALA B 57 3.47 2.24 26.26
CA ALA B 57 4.66 1.72 25.59
C ALA B 57 4.91 2.47 24.30
N ARG B 58 3.85 3.00 23.70
CA ARG B 58 4.04 3.75 22.47
C ARG B 58 5.04 4.93 22.65
N LEU B 59 5.18 5.42 23.88
CA LEU B 59 6.03 6.56 24.14
C LEU B 59 7.50 6.24 24.02
N LYS B 60 7.84 4.97 24.05
CA LYS B 60 9.26 4.52 23.88
C LYS B 60 9.58 3.78 22.57
N ARG B 61 8.60 3.73 21.73
CA ARG B 61 8.72 3.02 20.44
C ARG B 61 9.74 3.67 19.51
N HIS B 62 10.00 4.96 19.68
CA HIS B 62 11.14 5.64 18.99
C HIS B 62 12.47 5.03 19.18
N LEU B 63 12.70 4.37 20.31
CA LEU B 63 13.93 3.63 20.55
C LEU B 63 14.18 2.46 19.57
N LEU B 64 13.15 2.07 18.80
CA LEU B 64 13.36 1.05 17.78
C LEU B 64 13.96 1.60 16.48
N PHE B 65 14.08 2.91 16.41
CA PHE B 65 14.61 3.64 15.26
C PHE B 65 16.09 3.98 15.35
N THR B 66 16.73 4.14 14.18
CA THR B 66 18.07 4.70 14.09
C THR B 66 17.97 6.16 14.57
N GLU B 67 19.10 6.74 14.94
CA GLU B 67 19.06 8.10 15.43
C GLU B 67 18.44 9.07 14.41
N ASP B 68 18.73 8.89 13.13
CA ASP B 68 18.18 9.72 12.11
C ASP B 68 16.93 9.12 11.40
N GLY B 69 16.29 8.18 12.09
CA GLY B 69 15.23 7.38 11.52
C GLY B 69 14.05 8.24 11.17
N VAL B 70 13.32 7.87 10.15
CA VAL B 70 12.07 8.56 9.72
C VAL B 70 10.83 7.64 9.86
N GLY B 71 9.71 8.25 10.26
CA GLY B 71 8.43 7.59 10.33
C GLY B 71 7.37 8.48 9.86
N GLY B 72 6.17 7.94 9.64
CA GLY B 72 5.06 8.77 9.32
C GLY B 72 4.05 8.22 8.29
N LEU B 73 3.20 9.14 7.87
CA LEU B 73 2.05 8.88 7.04
C LEU B 73 2.33 9.36 5.57
N TRP B 74 2.23 8.39 4.66
CA TRP B 74 2.58 8.70 3.28
C TRP B 74 1.37 9.01 2.42
N THR B 75 0.17 8.71 2.91
CA THR B 75 -1.07 8.95 2.13
C THR B 75 -1.89 9.97 2.84
N THR B 76 -1.81 11.21 2.39
CA THR B 76 -2.48 12.28 3.09
C THR B 76 -3.34 13.02 2.04
N ASP B 77 -4.29 13.81 2.52
CA ASP B 77 -5.17 14.56 1.58
C ASP B 77 -4.34 15.56 0.77
N SER B 78 -3.23 16.03 1.33
CA SER B 78 -2.42 17.08 0.70
C SER B 78 -1.59 16.51 -0.44
N GLY B 79 -1.38 15.23 -0.40
CA GLY B 79 -0.49 14.60 -1.31
C GLY B 79 0.97 14.56 -0.86
N GLN B 80 1.35 15.24 0.22
CA GLN B 80 2.71 15.18 0.62
C GLN B 80 2.71 14.25 1.87
N PRO B 81 3.75 13.48 2.06
CA PRO B 81 3.81 12.83 3.38
C PRO B 81 3.95 13.70 4.61
N ILE B 82 3.50 13.19 5.73
CA ILE B 82 3.88 13.73 7.02
C ILE B 82 5.03 12.87 7.53
N ALA B 83 6.24 13.37 7.42
CA ALA B 83 7.45 12.58 7.67
C ALA B 83 8.11 13.18 8.92
N ILE B 84 8.23 12.35 9.91
CA ILE B 84 8.81 12.81 11.18
C ILE B 84 10.25 12.29 11.22
N ARG B 85 11.20 13.19 11.37
CA ARG B 85 12.57 12.82 11.14
C ARG B 85 13.36 12.92 12.42
N GLY B 86 13.93 11.79 12.80
CA GLY B 86 14.82 11.74 13.89
C GLY B 86 14.18 11.05 15.08
N ARG B 87 15.00 10.29 15.83
CA ARG B 87 14.50 9.51 16.92
C ARG B 87 13.87 10.43 17.96
N GLU B 88 14.43 11.60 18.25
CA GLU B 88 13.76 12.49 19.23
C GLU B 88 12.45 13.12 18.78
N LYS B 89 12.40 13.45 17.48
CA LYS B 89 11.17 14.03 16.96
C LYS B 89 10.10 12.94 16.87
N LEU B 90 10.55 11.72 16.62
CA LEU B 90 9.59 10.61 16.71
C LEU B 90 8.99 10.37 18.12
N GLY B 91 9.79 10.58 19.13
CA GLY B 91 9.26 10.44 20.51
C GLY B 91 8.27 11.53 20.80
N GLU B 92 8.51 12.73 20.29
CA GLU B 92 7.61 13.84 20.53
C GLU B 92 6.29 13.57 19.78
N HIS B 93 6.42 13.01 18.56
CA HIS B 93 5.29 12.63 17.79
C HIS B 93 4.42 11.59 18.50
N ALA B 94 5.04 10.67 19.28
CA ALA B 94 4.29 9.63 19.97
C ALA B 94 3.33 10.23 20.99
N VAL B 95 3.72 11.32 21.60
CA VAL B 95 2.87 12.03 22.59
C VAL B 95 1.59 12.51 21.88
N TRP B 96 1.72 13.18 20.72
CA TRP B 96 0.56 13.63 19.92
C TRP B 96 -0.28 12.41 19.49
N SER B 97 0.41 11.39 19.03
CA SER B 97 -0.34 10.21 18.52
C SER B 97 -1.19 9.55 19.65
N LEU B 98 -0.59 9.42 20.81
CA LEU B 98 -1.29 8.85 21.90
C LEU B 98 -2.51 9.66 22.38
N GLN B 99 -2.44 10.97 22.27
CA GLN B 99 -3.63 11.70 22.59
C GLN B 99 -4.69 11.66 21.53
N CYS B 100 -4.30 11.66 20.28
CA CYS B 100 -5.28 11.63 19.17
C CYS B 100 -5.86 10.24 18.87
N PHE B 101 -5.08 9.24 19.20
CA PHE B 101 -5.48 7.84 18.98
C PHE B 101 -5.24 7.05 20.27
N PRO B 102 -6.09 7.28 21.28
CA PRO B 102 -5.73 6.79 22.59
C PRO B 102 -5.76 5.33 22.86
N ASP B 103 -6.62 4.61 22.12
CA ASP B 103 -6.84 3.24 22.34
C ASP B 103 -6.57 2.40 21.08
N TRP B 104 -5.69 2.89 20.23
CA TRP B 104 -5.54 2.26 18.93
C TRP B 104 -5.03 0.87 19.04
N VAL B 105 -5.55 -0.01 18.19
CA VAL B 105 -5.00 -1.34 18.03
C VAL B 105 -4.83 -1.71 16.54
N TRP B 106 -3.68 -2.25 16.19
CA TRP B 106 -3.51 -2.93 14.90
C TRP B 106 -3.95 -4.38 15.03
N THR B 107 -4.62 -4.90 14.00
CA THR B 107 -5.19 -6.24 13.98
C THR B 107 -4.95 -6.84 12.63
N ASP B 108 -5.17 -8.12 12.58
CA ASP B 108 -4.99 -8.87 11.28
C ASP B 108 -3.66 -8.61 10.64
N ILE B 109 -2.61 -8.66 11.43
CA ILE B 109 -1.26 -8.29 10.99
C ILE B 109 -0.66 -9.41 10.16
N GLN B 110 -0.19 -9.09 8.94
CA GLN B 110 0.53 -10.00 8.09
CA GLN B 110 0.55 -10.01 8.15
C GLN B 110 1.84 -9.34 7.80
N ILE B 111 2.94 -9.99 8.21
CA ILE B 111 4.27 -9.51 7.97
C ILE B 111 4.83 -10.22 6.73
N PHE B 112 5.43 -9.45 5.82
CA PHE B 112 5.99 -9.90 4.55
C PHE B 112 7.47 -9.58 4.60
N GLU B 113 8.28 -10.62 4.65
CA GLU B 113 9.71 -10.51 4.48
C GLU B 113 9.88 -10.31 3.03
N THR B 114 11.04 -9.80 2.61
CA THR B 114 11.30 -9.63 1.18
C THR B 114 12.68 -10.20 0.92
N GLN B 115 13.08 -10.13 -0.35
CA GLN B 115 14.43 -10.53 -0.78
C GLN B 115 15.53 -9.67 -0.12
N ASP B 116 15.16 -8.49 0.37
CA ASP B 116 16.04 -7.58 1.12
C ASP B 116 15.84 -7.85 2.60
N PRO B 117 16.88 -8.36 3.30
CA PRO B 117 16.68 -8.68 4.70
C PRO B 117 16.42 -7.50 5.54
N ASN B 118 16.64 -6.30 4.97
CA ASN B 118 16.38 -5.03 5.66
C ASN B 118 15.08 -4.33 5.21
N TRP B 119 14.18 -5.03 4.52
CA TRP B 119 12.98 -4.35 4.02
C TRP B 119 11.81 -5.32 4.22
N PHE B 120 10.81 -4.87 4.98
CA PHE B 120 9.63 -5.61 5.27
C PHE B 120 8.36 -4.77 4.88
N TRP B 121 7.29 -5.48 4.57
CA TRP B 121 5.97 -4.87 4.39
C TRP B 121 5.02 -5.52 5.38
N VAL B 122 4.06 -4.74 5.79
CA VAL B 122 3.01 -5.25 6.70
C VAL B 122 1.69 -4.88 6.12
N GLU B 123 0.76 -5.82 6.04
CA GLU B 123 -0.63 -5.54 5.69
C GLU B 123 -1.45 -5.78 6.97
N CYS B 124 -2.33 -4.86 7.37
CA CYS B 124 -3.11 -4.99 8.58
C CYS B 124 -4.34 -4.11 8.53
N ARG B 125 -5.14 -4.28 9.53
CA ARG B 125 -6.25 -3.38 9.79
C ARG B 125 -5.88 -2.63 11.10
N GLY B 126 -6.66 -1.61 11.34
CA GLY B 126 -6.59 -0.93 12.65
C GLY B 126 -7.87 -0.25 13.00
N GLU B 127 -8.09 -0.04 14.28
CA GLU B 127 -9.34 0.64 14.71
C GLU B 127 -9.05 1.35 16.04
N GLY B 128 -9.81 2.44 16.26
CA GLY B 128 -9.80 3.04 17.55
C GLY B 128 -10.39 4.39 17.45
N ALA B 129 -10.54 5.00 18.63
CA ALA B 129 -10.99 6.40 18.62
C ALA B 129 -10.08 7.37 17.95
N ILE B 130 -10.67 8.40 17.30
CA ILE B 130 -9.89 9.45 16.73
C ILE B 130 -10.36 10.78 17.40
N VAL B 131 -9.40 11.52 17.99
CA VAL B 131 -9.69 12.71 18.79
C VAL B 131 -8.83 13.82 18.25
N PHE B 132 -9.36 14.49 17.22
CA PHE B 132 -8.69 15.56 16.56
C PHE B 132 -9.37 16.82 17.01
N PRO B 133 -8.59 17.76 17.53
CA PRO B 133 -9.25 19.04 17.93
C PRO B 133 -9.92 19.69 16.70
N GLY B 134 -11.18 20.03 16.86
CA GLY B 134 -11.81 20.85 15.83
C GLY B 134 -12.65 19.95 14.99
N TYR B 135 -12.65 18.70 15.38
CA TYR B 135 -13.66 17.75 14.89
C TYR B 135 -14.26 17.07 16.05
N PRO B 136 -15.44 16.46 15.85
CA PRO B 136 -15.98 15.62 16.91
C PRO B 136 -15.19 14.35 17.16
N ARG B 137 -15.15 13.89 18.37
CA ARG B 137 -14.63 12.54 18.61
C ARG B 137 -15.24 11.50 17.69
N GLY B 138 -14.40 10.66 17.08
CA GLY B 138 -14.88 9.65 16.16
C GLY B 138 -14.33 8.25 16.41
N GLN B 139 -14.82 7.27 15.61
CA GLN B 139 -14.29 5.93 15.59
C GLN B 139 -13.69 5.76 14.19
N TYR B 140 -12.40 5.52 14.19
CA TYR B 140 -11.67 5.36 12.93
C TYR B 140 -11.35 3.90 12.69
N ARG B 141 -11.58 3.43 11.47
CA ARG B 141 -11.16 2.08 11.12
C ARG B 141 -10.56 2.20 9.76
N ASN B 142 -9.55 1.42 9.46
CA ASN B 142 -8.98 1.48 8.11
C ASN B 142 -8.15 0.19 7.85
N HIS B 143 -7.76 0.07 6.57
CA HIS B 143 -6.84 -0.94 6.06
C HIS B 143 -5.56 -0.20 5.86
N PHE B 144 -4.44 -0.82 6.25
CA PHE B 144 -3.16 -0.20 6.21
C PHE B 144 -2.10 -1.14 5.54
N LEU B 145 -1.13 -0.49 4.89
CA LEU B 145 0.12 -1.12 4.47
C LEU B 145 1.22 -0.27 5.11
N HIS B 146 2.20 -0.95 5.72
CA HIS B 146 3.35 -0.27 6.32
C HIS B 146 4.61 -0.82 5.65
N SER B 147 5.56 0.08 5.42
CA SER B 147 6.87 -0.26 4.93
C SER B 147 7.84 -0.06 6.05
N PHE B 148 8.76 -1.01 6.27
CA PHE B 148 9.80 -0.88 7.31
C PHE B 148 11.15 -1.19 6.64
N ARG B 149 12.05 -0.19 6.65
CA ARG B 149 13.44 -0.36 6.18
C ARG B 149 14.37 -0.22 7.37
N PHE B 150 15.32 -1.12 7.42
CA PHE B 150 16.29 -1.23 8.51
C PHE B 150 17.73 -0.87 8.15
N GLU B 151 18.45 -0.54 9.19
CA GLU B 151 19.90 -0.25 9.15
C GLU B 151 20.42 -0.56 10.54
N ASN B 152 21.31 -1.55 10.56
CA ASN B 152 22.00 -2.03 11.76
C ASN B 152 21.00 -2.49 12.79
N GLY B 153 19.98 -3.20 12.32
CA GLY B 153 18.98 -3.73 13.18
C GLY B 153 17.99 -2.75 13.79
N LEU B 154 18.03 -1.48 13.40
CA LEU B 154 17.05 -0.49 13.85
C LEU B 154 16.30 0.05 12.63
N ILE B 155 15.13 0.61 12.88
CA ILE B 155 14.31 1.06 11.80
C ILE B 155 14.80 2.41 11.28
N LYS B 156 15.17 2.44 10.00
CA LYS B 156 15.62 3.67 9.31
C LYS B 156 14.46 4.42 8.69
N GLU B 157 13.42 3.72 8.26
CA GLU B 157 12.31 4.40 7.62
C GLU B 157 11.04 3.52 7.73
N GLN B 158 10.06 4.03 8.46
CA GLN B 158 8.70 3.51 8.53
C GLN B 158 7.74 4.42 7.77
N ARG B 159 6.93 3.82 6.89
CA ARG B 159 5.91 4.56 6.09
C ARG B 159 4.58 3.87 6.21
N GLU B 160 3.51 4.64 6.48
CA GLU B 160 2.11 4.17 6.60
C GLU B 160 1.37 4.62 5.33
N PHE B 161 0.64 3.67 4.75
CA PHE B 161 -0.23 3.87 3.59
C PHE B 161 -1.63 3.46 3.93
N MET B 162 -2.61 4.33 3.73
CA MET B 162 -3.99 3.94 3.97
C MET B 162 -4.89 4.70 2.95
N ASN B 163 -6.18 4.51 3.05
CA ASN B 163 -7.15 5.26 2.20
C ASN B 163 -7.65 6.47 3.06
N PRO B 164 -7.20 7.67 2.74
CA PRO B 164 -7.60 8.81 3.59
C PRO B 164 -9.09 9.05 3.67
N CYS B 165 -9.82 8.56 2.69
CA CYS B 165 -11.27 8.74 2.69
C CYS B 165 -11.92 8.13 3.94
N GLU B 166 -11.34 7.02 4.46
CA GLU B 166 -11.90 6.42 5.67
C GLU B 166 -11.66 7.30 6.91
N GLN B 167 -10.54 8.00 6.88
CA GLN B 167 -10.24 9.00 7.93
C GLN B 167 -11.15 10.18 7.81
N PHE B 168 -11.44 10.66 6.61
CA PHE B 168 -12.46 11.71 6.50
C PHE B 168 -13.76 11.28 7.14
N ARG B 169 -14.25 10.09 6.81
CA ARG B 169 -15.53 9.64 7.35
C ARG B 169 -15.49 9.72 8.90
N SER B 170 -14.38 9.26 9.45
CA SER B 170 -14.26 9.21 10.91
C SER B 170 -14.33 10.57 11.55
N LEU B 171 -14.01 11.60 10.80
CA LEU B 171 -13.96 12.99 11.22
C LEU B 171 -15.24 13.78 10.89
N GLY B 172 -16.15 13.10 10.21
CA GLY B 172 -17.37 13.73 9.74
C GLY B 172 -17.20 14.65 8.55
N ILE B 173 -16.12 14.44 7.84
CA ILE B 173 -15.77 15.20 6.67
C ILE B 173 -16.41 14.52 5.44
N GLU B 174 -17.18 15.31 4.65
CA GLU B 174 -17.86 14.71 3.51
C GLU B 174 -16.85 14.15 2.54
N VAL B 175 -17.06 12.96 2.00
CA VAL B 175 -16.08 12.38 1.05
C VAL B 175 -16.54 12.65 -0.40
N PRO B 176 -15.64 13.18 -1.26
CA PRO B 176 -16.01 13.32 -2.65
C PRO B 176 -16.35 11.97 -3.25
N GLU B 177 -17.30 11.92 -4.17
CA GLU B 177 -17.54 10.70 -4.96
C GLU B 177 -17.08 10.81 -6.43
N VAL B 178 -16.32 9.86 -6.90
CA VAL B 178 -15.98 9.80 -8.30
C VAL B 178 -16.98 8.90 -9.01
N ARG B 179 -17.59 9.42 -10.07
CA ARG B 179 -18.54 8.64 -10.88
C ARG B 179 -17.73 7.93 -11.97
N ARG B 180 -17.83 6.62 -12.06
CA ARG B 180 -17.09 5.88 -13.11
C ARG B 180 -18.10 5.33 -14.13
N ASP B 181 -18.64 6.24 -14.91
CA ASP B 181 -19.57 5.83 -15.96
C ASP B 181 -18.87 4.94 -16.97
N GLY B 182 -19.54 3.86 -17.31
CA GLY B 182 -19.03 2.91 -18.26
C GLY B 182 -18.30 1.77 -17.62
N LEU B 183 -17.98 1.89 -16.33
CA LEU B 183 -17.26 0.83 -15.70
C LEU B 183 -18.20 -0.34 -15.67
N PRO B 184 -17.79 -1.45 -16.30
CA PRO B 184 -18.63 -2.68 -16.24
C PRO B 184 -18.61 -3.26 -14.79
N SER B 185 -19.46 -4.23 -14.40
CA SER B 185 -20.64 -4.70 -15.10
C SER B 185 -20.40 -5.27 -16.50
CAJ 3B4 C . -6.87 1.89 -13.90
CAH 3B4 C . -5.95 1.69 -15.09
CAG 3B4 C . -4.77 2.69 -15.03
CAI 3B4 C . -4.04 2.67 -13.76
CAK 3B4 C . -4.97 2.66 -12.53
CAP 3B4 C . -6.18 1.64 -12.67
NAL 3B4 C . -7.09 1.94 -11.48
CAN 3B4 C . -8.37 1.43 -11.46
CAE 3B4 C . -8.49 0.05 -11.56
CAC 3B4 C . -9.74 -0.52 -11.51
CAD 3B4 C . -10.86 0.26 -11.38
CAF 3B4 C . -10.77 1.64 -11.26
CAO 3B4 C . -9.51 2.25 -11.32
CAM 3B4 C . -9.36 3.76 -11.19
OAB 3B4 C . -10.39 4.41 -11.29
OAA 3B4 C . -8.27 4.24 -10.94
N1 AZI D . -2.44 -0.30 -16.74
N2 AZI D . -3.17 -0.72 -15.92
N3 AZI D . -3.90 -1.13 -15.05
CAJ 3B4 E . -1.77 7.60 14.00
CAH 3B4 E . -1.64 6.44 15.10
CAG 3B4 E . -2.20 5.07 14.49
CAI 3B4 E . -3.42 5.34 13.70
CAK 3B4 E . -3.01 6.13 12.51
CAP 3B4 E . -1.67 6.90 12.68
NAL 3B4 E . -1.51 7.74 11.39
CAN 3B4 E . -0.81 8.92 11.39
CAE 3B4 E . 0.56 8.87 11.48
CAC 3B4 E . 1.33 10.03 11.47
CAD 3B4 E . 0.75 11.21 11.24
CAF 3B4 E . -0.64 11.30 11.08
CAO 3B4 E . -1.39 10.11 11.10
CAM 3B4 E . -2.87 10.23 10.94
OAB 3B4 E . -3.43 11.35 10.97
OAA 3B4 E . -3.48 9.20 10.72
C ACT F . 0.46 3.23 16.60
O ACT F . 0.96 2.06 16.69
OXT ACT F . 1.00 4.08 15.81
CH3 ACT F . -0.80 3.52 17.28
#